data_3EBA
#
_entry.id   3EBA
#
_cell.length_a   63.670
_cell.length_b   63.670
_cell.length_c   119.509
_cell.angle_alpha   90.00
_cell.angle_beta   90.00
_cell.angle_gamma   120.00
#
_symmetry.space_group_name_H-M   'P 61'
#
loop_
_entity.id
_entity.type
_entity.pdbx_description
1 polymer CAbHul6
2 polymer 'Lysozyme C'
3 non-polymer 'SULFATE ION'
4 water water
#
loop_
_entity_poly.entity_id
_entity_poly.type
_entity_poly.pdbx_seq_one_letter_code
_entity_poly.pdbx_strand_id
1 'polypeptide(L)'
;QVQLVESGGGSVQAGGSLRLSCSASGYTYISGWFRQAPGKGLEWVAAIRSSDGTTYYADSVKGRFTISQDNAKNTVYLQM
NSLKPEDTAMYYCAATEVAGWPLDIGIYDYWGQGTQVTVSSHHHHHH
;
A
2 'polypeptide(L)'
;KVFERCELARTLKRLGMDGYRGISLANWMCLAKWESGYNTRATNYNAGDRSTDYGIFQINSRYWCNDGKTPGAVNACHLS
CSALLQDNIADAVACAKRVVRDPQGIRAWVAWRNRCQNRDVRQYVQGCGV
;
B
#
# COMPACT_ATOMS: atom_id res chain seq x y z
N GLN A 1 4.02 14.16 5.14
CA GLN A 1 3.80 12.78 4.54
CA GLN A 1 4.09 12.89 4.40
C GLN A 1 3.33 12.81 3.06
N VAL A 2 2.09 12.30 2.98
CA VAL A 2 1.43 12.22 1.68
C VAL A 2 0.07 12.94 1.59
N GLN A 3 0.01 13.93 0.71
CA GLN A 3 -1.24 14.68 0.48
C GLN A 3 -1.97 14.12 -0.74
N LEU A 4 -3.30 14.08 -0.70
CA LEU A 4 -4.10 13.61 -1.82
C LEU A 4 -5.05 14.75 -2.20
N VAL A 5 -4.97 15.20 -3.45
CA VAL A 5 -5.81 16.28 -3.93
C VAL A 5 -6.77 15.78 -5.01
N GLU A 6 -8.06 15.95 -4.76
CA GLU A 6 -9.06 15.51 -5.72
C GLU A 6 -9.57 16.65 -6.59
N SER A 7 -10.15 16.27 -7.72
CA SER A 7 -10.75 17.20 -8.67
C SER A 7 -11.59 16.35 -9.60
N GLY A 8 -12.42 17.00 -10.41
CA GLY A 8 -13.23 16.27 -11.37
C GLY A 8 -14.68 16.06 -11.02
N GLY A 9 -15.09 16.42 -9.80
CA GLY A 9 -16.48 16.25 -9.44
C GLY A 9 -17.33 17.16 -10.30
N GLY A 10 -18.65 16.98 -10.23
CA GLY A 10 -19.53 17.82 -11.01
C GLY A 10 -20.98 17.38 -10.89
N SER A 11 -21.86 18.10 -11.59
CA SER A 11 -23.28 17.79 -11.59
CA SER A 11 -23.28 17.79 -11.59
C SER A 11 -23.67 17.44 -13.02
N VAL A 12 -24.23 16.25 -13.20
CA VAL A 12 -24.62 15.77 -14.52
C VAL A 12 -26.04 15.24 -14.57
N GLN A 13 -26.48 14.93 -15.77
CA GLN A 13 -27.80 14.36 -16.00
C GLN A 13 -27.59 12.85 -15.97
N ALA A 14 -28.66 12.11 -15.70
CA ALA A 14 -28.56 10.65 -15.65
C ALA A 14 -27.94 10.14 -16.95
N GLY A 15 -27.04 9.17 -16.83
CA GLY A 15 -26.36 8.61 -17.99
C GLY A 15 -25.09 9.35 -18.32
N GLY A 16 -24.85 10.44 -17.60
CA GLY A 16 -23.67 11.26 -17.83
C GLY A 16 -22.36 10.66 -17.37
N SER A 17 -21.26 11.37 -17.61
CA SER A 17 -19.94 10.89 -17.24
C SER A 17 -19.06 11.93 -16.55
N LEU A 18 -18.15 11.45 -15.71
CA LEU A 18 -17.22 12.30 -14.99
C LEU A 18 -15.94 11.47 -14.84
N ARG A 19 -14.84 12.15 -14.54
CA ARG A 19 -13.57 11.47 -14.36
C ARG A 19 -12.92 12.16 -13.16
N LEU A 20 -12.91 11.45 -12.03
CA LEU A 20 -12.33 12.00 -10.80
C LEU A 20 -10.85 11.67 -10.77
N SER A 21 -10.07 12.63 -10.29
CA SER A 21 -8.63 12.48 -10.19
C SER A 21 -8.22 12.63 -8.73
N CYS A 22 -7.19 11.90 -8.37
CA CYS A 22 -6.65 11.90 -7.02
C CYS A 22 -5.14 11.95 -7.16
N SER A 23 -4.56 13.14 -7.09
CA SER A 23 -3.11 13.28 -7.22
C SER A 23 -2.41 13.21 -5.87
N ALA A 24 -1.38 12.36 -5.78
CA ALA A 24 -0.63 12.19 -4.53
C ALA A 24 0.71 12.93 -4.52
N SER A 25 1.14 13.38 -3.34
CA SER A 25 2.39 14.10 -3.23
C SER A 25 3.55 13.19 -2.84
N GLY A 26 3.25 11.91 -2.65
CA GLY A 26 4.27 10.95 -2.28
C GLY A 26 3.85 9.55 -2.68
N TYR A 27 4.68 8.57 -2.35
CA TYR A 27 4.42 7.17 -2.69
C TYR A 27 3.18 6.59 -2.02
N THR A 28 2.39 5.87 -2.81
CA THR A 28 1.17 5.22 -2.31
C THR A 28 1.20 3.76 -2.77
N TYR A 29 0.72 2.85 -1.92
CA TYR A 29 0.70 1.44 -2.30
C TYR A 29 -0.66 1.06 -2.87
N ILE A 30 -1.69 1.13 -2.05
CA ILE A 30 -3.05 0.81 -2.50
C ILE A 30 -3.85 2.11 -2.47
N SER A 31 -4.64 2.35 -3.51
CA SER A 31 -5.47 3.53 -3.58
C SER A 31 -6.93 3.11 -3.72
N GLY A 32 -7.84 3.89 -3.14
CA GLY A 32 -9.23 3.53 -3.23
C GLY A 32 -10.16 4.72 -3.25
N TRP A 33 -11.41 4.46 -3.60
CA TRP A 33 -12.43 5.50 -3.64
C TRP A 33 -13.57 5.08 -2.74
N PHE A 34 -14.09 6.05 -1.99
CA PHE A 34 -15.20 5.82 -1.08
C PHE A 34 -16.23 6.89 -1.35
N ARG A 35 -17.49 6.60 -1.03
CA ARG A 35 -18.57 7.55 -1.23
C ARG A 35 -19.28 7.76 0.11
N GLN A 36 -19.91 8.92 0.25
CA GLN A 36 -20.63 9.22 1.48
C GLN A 36 -21.79 10.19 1.23
N ALA A 37 -22.98 9.79 1.66
CA ALA A 37 -24.18 10.61 1.52
C ALA A 37 -24.22 11.50 2.76
N PRO A 38 -24.89 12.66 2.66
CA PRO A 38 -24.99 13.56 3.82
C PRO A 38 -25.51 12.88 5.07
N GLY A 39 -24.75 12.98 6.15
CA GLY A 39 -25.16 12.40 7.40
C GLY A 39 -25.06 10.89 7.48
N LYS A 40 -24.46 10.25 6.47
CA LYS A 40 -24.33 8.81 6.48
CA LYS A 40 -24.33 8.81 6.50
C LYS A 40 -22.89 8.34 6.51
N GLY A 41 -22.68 7.03 6.42
CA GLY A 41 -21.33 6.51 6.47
C GLY A 41 -20.54 6.44 5.19
N LEU A 42 -19.25 6.17 5.36
CA LEU A 42 -18.34 6.01 4.23
C LEU A 42 -18.53 4.61 3.68
N GLU A 43 -18.67 4.52 2.35
CA GLU A 43 -18.87 3.24 1.68
C GLU A 43 -17.78 3.04 0.65
N TRP A 44 -17.18 1.85 0.66
CA TRP A 44 -16.12 1.51 -0.27
C TRP A 44 -16.70 1.40 -1.68
N VAL A 45 -15.98 1.96 -2.65
CA VAL A 45 -16.42 1.94 -4.05
C VAL A 45 -15.50 1.14 -4.97
N ALA A 46 -14.19 1.39 -4.84
CA ALA A 46 -13.23 0.70 -5.68
C ALA A 46 -11.81 0.87 -5.16
N ALA A 47 -10.91 0.03 -5.65
CA ALA A 47 -9.52 0.11 -5.23
C ALA A 47 -8.59 -0.48 -6.29
N ILE A 48 -7.32 -0.12 -6.21
CA ILE A 48 -6.31 -0.61 -7.14
C ILE A 48 -4.99 -0.76 -6.39
N ARG A 49 -4.27 -1.85 -6.67
CA ARG A 49 -2.98 -2.10 -6.04
C ARG A 49 -1.97 -1.61 -7.05
N SER A 50 -1.20 -0.58 -6.67
CA SER A 50 -0.23 0.02 -7.58
C SER A 50 0.90 -0.90 -8.04
N SER A 51 1.23 -1.89 -7.22
CA SER A 51 2.31 -2.79 -7.59
C SER A 51 2.01 -3.66 -8.80
N ASP A 52 0.88 -4.36 -8.79
CA ASP A 52 0.54 -5.24 -9.90
C ASP A 52 -0.64 -4.76 -10.76
N GLY A 53 -1.24 -3.63 -10.38
CA GLY A 53 -2.35 -3.11 -11.14
C GLY A 53 -3.70 -3.77 -10.95
N THR A 54 -3.79 -4.67 -9.97
CA THR A 54 -5.06 -5.36 -9.71
C THR A 54 -6.12 -4.34 -9.27
N THR A 55 -7.31 -4.46 -9.84
CA THR A 55 -8.42 -3.55 -9.50
C THR A 55 -9.54 -4.29 -8.77
N TYR A 56 -10.31 -3.56 -7.97
CA TYR A 56 -11.43 -4.12 -7.20
C TYR A 56 -12.61 -3.16 -7.27
N TYR A 57 -13.82 -3.68 -7.43
CA TYR A 57 -15.03 -2.83 -7.52
C TYR A 57 -16.17 -3.31 -6.63
N ALA A 58 -17.00 -2.36 -6.20
CA ALA A 58 -18.18 -2.66 -5.40
C ALA A 58 -19.21 -3.13 -6.42
N ASP A 59 -20.09 -4.04 -6.02
CA ASP A 59 -21.09 -4.56 -6.94
C ASP A 59 -21.88 -3.45 -7.62
N SER A 60 -22.26 -2.44 -6.83
CA SER A 60 -23.05 -1.33 -7.33
C SER A 60 -22.44 -0.52 -8.47
N VAL A 61 -21.11 -0.57 -8.64
CA VAL A 61 -20.48 0.20 -9.70
C VAL A 61 -19.75 -0.63 -10.75
N LYS A 62 -19.66 -1.94 -10.54
CA LYS A 62 -18.97 -2.81 -11.50
C LYS A 62 -19.57 -2.66 -12.89
N GLY A 63 -18.72 -2.49 -13.89
CA GLY A 63 -19.20 -2.34 -15.25
C GLY A 63 -19.51 -0.90 -15.63
N ARG A 64 -19.59 -0.01 -14.64
CA ARG A 64 -19.89 1.40 -14.93
C ARG A 64 -18.73 2.34 -14.65
N PHE A 65 -17.98 2.04 -13.59
CA PHE A 65 -16.83 2.87 -13.21
C PHE A 65 -15.56 2.07 -13.46
N THR A 66 -14.47 2.79 -13.72
CA THR A 66 -13.19 2.15 -13.93
C THR A 66 -12.13 2.88 -13.12
N ILE A 67 -11.39 2.14 -12.29
CA ILE A 67 -10.34 2.77 -11.50
C ILE A 67 -9.02 2.53 -12.23
N SER A 68 -8.18 3.55 -12.29
CA SER A 68 -6.91 3.40 -12.97
C SER A 68 -5.85 4.25 -12.30
N GLN A 69 -4.63 4.17 -12.83
CA GLN A 69 -3.55 4.92 -12.26
CA GLN A 69 -3.53 4.93 -12.27
C GLN A 69 -2.54 5.31 -13.37
N ASP A 70 -2.04 6.54 -13.31
CA ASP A 70 -1.05 6.99 -14.29
C ASP A 70 0.16 7.20 -13.39
N ASN A 71 1.02 6.19 -13.33
CA ASN A 71 2.21 6.24 -12.49
C ASN A 71 3.11 7.44 -12.79
N ALA A 72 3.20 7.82 -14.06
CA ALA A 72 4.03 8.96 -14.44
C ALA A 72 3.52 10.24 -13.77
N LYS A 73 2.23 10.29 -13.49
CA LYS A 73 1.62 11.47 -12.87
C LYS A 73 1.31 11.22 -11.38
N ASN A 74 1.63 10.02 -10.90
CA ASN A 74 1.35 9.62 -9.52
C ASN A 74 -0.07 10.06 -9.14
N THR A 75 -0.99 9.70 -10.02
CA THR A 75 -2.40 10.05 -9.85
C THR A 75 -3.30 8.85 -10.13
N VAL A 76 -4.35 8.71 -9.31
CA VAL A 76 -5.31 7.63 -9.48
C VAL A 76 -6.62 8.26 -9.94
N TYR A 77 -7.37 7.56 -10.78
CA TYR A 77 -8.61 8.10 -11.32
C TYR A 77 -9.78 7.16 -11.10
N LEU A 78 -10.97 7.72 -11.19
CA LEU A 78 -12.21 6.96 -11.10
C LEU A 78 -13.02 7.47 -12.29
N GLN A 79 -13.07 6.68 -13.35
CA GLN A 79 -13.84 7.08 -14.53
CA GLN A 79 -13.81 7.06 -14.55
C GLN A 79 -15.25 6.60 -14.34
N MET A 80 -16.16 7.55 -14.16
CA MET A 80 -17.55 7.25 -13.93
C MET A 80 -18.40 7.40 -15.18
N ASN A 81 -18.79 6.27 -15.75
CA ASN A 81 -19.63 6.28 -16.93
C ASN A 81 -21.02 5.81 -16.51
N SER A 82 -22.03 6.16 -17.30
CA SER A 82 -23.39 5.76 -16.99
C SER A 82 -23.81 6.11 -15.57
N LEU A 83 -23.58 7.36 -15.16
CA LEU A 83 -23.94 7.78 -13.82
C LEU A 83 -25.45 7.69 -13.60
N LYS A 84 -25.83 7.30 -12.39
CA LYS A 84 -27.22 7.14 -11.96
C LYS A 84 -27.49 8.07 -10.80
N PRO A 85 -28.75 8.52 -10.62
CA PRO A 85 -29.07 9.41 -9.50
C PRO A 85 -28.58 8.83 -8.17
N GLU A 86 -28.62 7.50 -8.05
CA GLU A 86 -28.19 6.80 -6.84
C GLU A 86 -26.69 6.97 -6.56
N ASP A 87 -25.92 7.42 -7.55
CA ASP A 87 -24.49 7.63 -7.36
C ASP A 87 -24.19 8.97 -6.68
N THR A 88 -25.20 9.82 -6.54
CA THR A 88 -25.03 11.11 -5.91
C THR A 88 -24.45 11.01 -4.51
N ALA A 89 -23.31 11.66 -4.32
CA ALA A 89 -22.62 11.64 -3.05
C ALA A 89 -21.32 12.39 -3.19
N MET A 90 -20.63 12.54 -2.06
CA MET A 90 -19.34 13.19 -2.08
CA MET A 90 -19.33 13.20 -2.01
C MET A 90 -18.37 12.02 -2.17
N TYR A 91 -17.40 12.11 -3.08
CA TYR A 91 -16.45 11.01 -3.26
C TYR A 91 -15.07 11.35 -2.72
N TYR A 92 -14.47 10.38 -2.04
CA TYR A 92 -13.17 10.52 -1.43
C TYR A 92 -12.21 9.47 -1.94
N CYS A 93 -10.97 9.86 -2.24
CA CYS A 93 -9.98 8.88 -2.62
C CYS A 93 -9.13 8.75 -1.36
N ALA A 94 -8.48 7.61 -1.21
CA ALA A 94 -7.64 7.38 -0.04
C ALA A 94 -6.49 6.49 -0.49
N ALA A 95 -5.44 6.43 0.33
CA ALA A 95 -4.29 5.61 -0.01
C ALA A 95 -3.77 4.91 1.22
N THR A 96 -3.07 3.79 1.01
CA THR A 96 -2.49 3.04 2.11
C THR A 96 -1.01 2.91 1.81
N GLU A 97 -0.24 2.60 2.84
CA GLU A 97 1.19 2.39 2.71
C GLU A 97 1.44 0.93 3.06
N VAL A 98 0.64 0.43 3.99
CA VAL A 98 0.77 -0.95 4.42
C VAL A 98 0.01 -1.88 3.49
N ALA A 99 0.46 -3.13 3.43
CA ALA A 99 -0.18 -4.13 2.60
C ALA A 99 -1.38 -4.66 3.39
N GLY A 100 -2.42 -5.06 2.67
CA GLY A 100 -3.61 -5.58 3.31
C GLY A 100 -4.71 -5.78 2.30
N TRP A 101 -5.93 -6.00 2.79
CA TRP A 101 -7.07 -6.21 1.91
C TRP A 101 -7.55 -4.86 1.38
N PRO A 102 -7.52 -4.65 0.05
CA PRO A 102 -7.95 -3.39 -0.56
C PRO A 102 -9.37 -2.96 -0.22
N LEU A 103 -10.19 -3.92 0.21
CA LEU A 103 -11.57 -3.63 0.60
C LEU A 103 -11.71 -3.24 2.07
N ASP A 104 -10.60 -3.22 2.80
CA ASP A 104 -10.65 -2.86 4.23
C ASP A 104 -10.24 -1.40 4.46
N ILE A 105 -11.23 -0.58 4.81
CA ILE A 105 -11.00 0.85 5.05
C ILE A 105 -9.95 1.11 6.14
N GLY A 106 -9.77 0.15 7.05
CA GLY A 106 -8.80 0.32 8.12
C GLY A 106 -7.37 0.52 7.68
N ILE A 107 -6.99 0.08 6.49
CA ILE A 107 -5.61 0.23 6.04
C ILE A 107 -5.30 1.54 5.32
N TYR A 108 -6.33 2.34 5.09
CA TYR A 108 -6.14 3.62 4.40
C TYR A 108 -5.78 4.73 5.39
N ASP A 109 -4.55 5.23 5.27
CA ASP A 109 -4.07 6.26 6.17
C ASP A 109 -4.09 7.69 5.64
N TYR A 110 -4.22 7.84 4.32
CA TYR A 110 -4.27 9.18 3.74
C TYR A 110 -5.58 9.39 2.95
N TRP A 111 -6.18 10.57 3.13
CA TRP A 111 -7.45 10.87 2.48
C TRP A 111 -7.52 12.20 1.72
N GLY A 112 -8.25 12.18 0.61
CA GLY A 112 -8.43 13.37 -0.19
C GLY A 112 -9.47 14.25 0.48
N GLN A 113 -9.64 15.48 0.00
CA GLN A 113 -10.57 16.42 0.59
C GLN A 113 -12.03 16.15 0.21
N GLY A 114 -12.23 15.31 -0.79
CA GLY A 114 -13.59 14.99 -1.23
C GLY A 114 -14.05 15.87 -2.38
N THR A 115 -14.96 15.35 -3.19
CA THR A 115 -15.50 16.10 -4.31
C THR A 115 -16.94 15.65 -4.52
N GLN A 116 -17.83 16.59 -4.82
CA GLN A 116 -19.24 16.26 -5.00
C GLN A 116 -19.61 15.75 -6.39
N VAL A 117 -20.40 14.68 -6.42
CA VAL A 117 -20.91 14.14 -7.66
C VAL A 117 -22.42 14.14 -7.51
N THR A 118 -23.10 14.87 -8.38
CA THR A 118 -24.56 14.97 -8.34
C THR A 118 -25.12 14.52 -9.69
N VAL A 119 -26.08 13.60 -9.65
CA VAL A 119 -26.70 13.06 -10.86
C VAL A 119 -28.21 13.26 -10.77
N SER A 120 -28.76 14.07 -11.66
CA SER A 120 -30.21 14.31 -11.64
C SER A 120 -30.96 13.28 -12.49
N SER A 121 -32.24 13.13 -12.21
CA SER A 121 -33.11 12.19 -12.92
C SER A 121 -33.43 12.73 -14.32
N HIS A 122 -33.83 13.91 -14.44
N LYS B 1 16.23 -10.63 -6.93
CA LYS B 1 17.65 -10.35 -7.23
C LYS B 1 18.40 -9.90 -5.98
N VAL B 2 19.68 -9.58 -6.15
CA VAL B 2 20.51 -9.12 -5.04
C VAL B 2 20.87 -7.65 -5.23
N PHE B 3 20.22 -6.77 -4.46
CA PHE B 3 20.48 -5.35 -4.55
C PHE B 3 21.87 -4.95 -4.07
N GLU B 4 22.32 -3.80 -4.56
CA GLU B 4 23.59 -3.24 -4.14
C GLU B 4 23.14 -2.38 -2.96
N ARG B 5 24.02 -2.17 -1.99
CA ARG B 5 23.67 -1.38 -0.81
C ARG B 5 22.95 -0.08 -1.12
N CYS B 6 23.60 0.84 -1.83
CA CYS B 6 22.96 2.11 -2.13
C CYS B 6 21.76 2.02 -3.05
N GLU B 7 21.75 1.04 -3.95
CA GLU B 7 20.61 0.87 -4.85
C GLU B 7 19.35 0.59 -4.02
N LEU B 8 19.46 -0.32 -3.06
CA LEU B 8 18.32 -0.65 -2.21
C LEU B 8 17.92 0.57 -1.39
N ALA B 9 18.90 1.30 -0.88
CA ALA B 9 18.63 2.49 -0.09
C ALA B 9 17.79 3.47 -0.89
N ARG B 10 18.16 3.68 -2.15
CA ARG B 10 17.40 4.59 -3.01
C ARG B 10 15.98 4.08 -3.24
N THR B 11 15.87 2.78 -3.48
CA THR B 11 14.58 2.16 -3.73
C THR B 11 13.65 2.25 -2.52
N LEU B 12 14.18 1.92 -1.35
CA LEU B 12 13.37 1.99 -0.12
C LEU B 12 12.89 3.41 0.12
N LYS B 13 13.77 4.38 -0.07
CA LYS B 13 13.40 5.77 0.12
C LYS B 13 12.29 6.15 -0.85
N ARG B 14 12.40 5.61 -2.05
CA ARG B 14 11.43 5.86 -3.12
C ARG B 14 10.07 5.29 -2.72
N LEU B 15 10.11 4.19 -1.98
CA LEU B 15 8.89 3.51 -1.54
C LEU B 15 8.39 4.00 -0.17
N GLY B 16 8.79 5.20 0.21
CA GLY B 16 8.36 5.80 1.46
C GLY B 16 8.78 5.16 2.76
N MET B 17 9.89 4.42 2.76
CA MET B 17 10.37 3.77 3.97
C MET B 17 11.11 4.68 4.95
N ASP B 18 11.65 5.78 4.45
CA ASP B 18 12.40 6.69 5.32
C ASP B 18 11.55 7.41 6.34
N GLY B 19 11.70 7.03 7.59
CA GLY B 19 10.93 7.65 8.65
C GLY B 19 9.58 7.02 8.89
N TYR B 20 9.25 6.00 8.11
CA TYR B 20 7.95 5.33 8.27
C TYR B 20 7.79 4.86 9.72
N ARG B 21 6.84 5.46 10.41
CA ARG B 21 6.56 5.15 11.80
C ARG B 21 7.81 5.30 12.66
N GLY B 22 8.60 6.34 12.34
CA GLY B 22 9.81 6.61 13.09
C GLY B 22 11.04 5.81 12.73
N ILE B 23 10.89 4.81 11.86
CA ILE B 23 12.01 3.97 11.45
C ILE B 23 12.81 4.60 10.31
N SER B 24 14.06 4.97 10.59
CA SER B 24 14.90 5.60 9.57
C SER B 24 15.32 4.63 8.49
N LEU B 25 15.64 5.17 7.32
CA LEU B 25 16.07 4.34 6.21
C LEU B 25 17.30 3.53 6.64
N ALA B 26 18.16 4.16 7.43
CA ALA B 26 19.37 3.48 7.92
C ALA B 26 18.97 2.20 8.65
N ASN B 27 18.00 2.29 9.54
CA ASN B 27 17.55 1.12 10.27
C ASN B 27 16.94 0.06 9.37
N TRP B 28 16.20 0.46 8.34
CA TRP B 28 15.62 -0.53 7.43
C TRP B 28 16.73 -1.26 6.68
N MET B 29 17.73 -0.52 6.25
CA MET B 29 18.87 -1.09 5.53
C MET B 29 19.60 -2.12 6.38
N CYS B 30 19.86 -1.75 7.63
CA CYS B 30 20.54 -2.64 8.55
C CYS B 30 19.73 -3.92 8.71
N LEU B 31 18.40 -3.78 8.72
CA LEU B 31 17.51 -4.94 8.85
C LEU B 31 17.67 -5.86 7.64
N ALA B 32 17.54 -5.30 6.44
CA ALA B 32 17.64 -6.09 5.20
C ALA B 32 19.01 -6.74 5.10
N LYS B 33 20.03 -5.99 5.47
CA LYS B 33 21.40 -6.48 5.46
C LYS B 33 21.52 -7.80 6.21
N TRP B 34 21.15 -7.81 7.49
CA TRP B 34 21.26 -9.01 8.30
C TRP B 34 20.17 -10.06 8.07
N GLU B 35 19.03 -9.67 7.54
CA GLU B 35 17.97 -10.63 7.28
C GLU B 35 18.20 -11.43 6.01
N SER B 36 18.75 -10.78 4.98
CA SER B 36 18.94 -11.48 3.71
C SER B 36 20.11 -11.02 2.85
N GLY B 37 20.93 -10.12 3.38
CA GLY B 37 22.04 -9.63 2.58
C GLY B 37 21.53 -8.97 1.31
N TYR B 38 20.35 -8.35 1.41
CA TYR B 38 19.70 -7.66 0.29
C TYR B 38 19.23 -8.58 -0.83
N ASN B 39 18.95 -9.84 -0.50
CA ASN B 39 18.51 -10.81 -1.50
C ASN B 39 16.99 -11.00 -1.47
N THR B 40 16.31 -10.65 -2.56
CA THR B 40 14.85 -10.79 -2.61
C THR B 40 14.38 -12.23 -2.62
N ARG B 41 15.26 -13.14 -3.01
CA ARG B 41 14.92 -14.56 -3.08
C ARG B 41 15.16 -15.33 -1.79
N ALA B 42 15.79 -14.68 -0.82
CA ALA B 42 16.11 -15.31 0.46
C ALA B 42 14.89 -15.96 1.14
N THR B 43 15.01 -17.24 1.47
CA THR B 43 13.94 -17.97 2.13
C THR B 43 14.52 -18.86 3.22
N ASN B 44 13.88 -18.85 4.40
CA ASN B 44 14.33 -19.65 5.53
C ASN B 44 13.19 -20.39 6.20
N TYR B 45 13.37 -21.69 6.38
CA TYR B 45 12.37 -22.55 7.01
C TYR B 45 12.54 -22.54 8.53
N ASN B 46 11.46 -22.87 9.24
CA ASN B 46 11.49 -22.91 10.70
C ASN B 46 10.97 -24.24 11.21
N ALA B 47 11.88 -25.14 11.56
CA ALA B 47 11.53 -26.46 12.06
C ALA B 47 10.94 -26.39 13.47
N GLY B 48 10.18 -25.34 13.74
CA GLY B 48 9.56 -25.17 15.04
C GLY B 48 8.05 -25.18 14.90
N ASP B 49 7.51 -24.05 14.46
CA ASP B 49 6.07 -23.91 14.26
C ASP B 49 5.73 -24.22 12.81
N ARG B 50 6.73 -24.71 12.07
CA ARG B 50 6.58 -25.06 10.66
C ARG B 50 6.12 -23.88 9.81
N SER B 51 6.92 -22.81 9.81
CA SER B 51 6.63 -21.61 9.03
C SER B 51 7.86 -21.28 8.19
N THR B 52 7.80 -20.21 7.41
CA THR B 52 8.93 -19.82 6.57
C THR B 52 9.05 -18.31 6.36
N ASP B 53 10.29 -17.81 6.45
CA ASP B 53 10.56 -16.38 6.26
C ASP B 53 10.89 -16.13 4.80
N TYR B 54 10.25 -15.13 4.20
CA TYR B 54 10.43 -14.82 2.79
C TYR B 54 10.94 -13.40 2.48
N GLY B 55 11.75 -13.30 1.43
CA GLY B 55 12.26 -12.02 0.99
C GLY B 55 13.34 -11.26 1.76
N ILE B 56 13.65 -10.08 1.23
CA ILE B 56 14.65 -9.19 1.80
C ILE B 56 14.45 -8.89 3.28
N PHE B 57 13.20 -8.90 3.73
CA PHE B 57 12.90 -8.63 5.14
C PHE B 57 12.50 -9.89 5.90
N GLN B 58 12.65 -11.03 5.24
CA GLN B 58 12.33 -12.32 5.85
C GLN B 58 11.02 -12.29 6.63
N ILE B 59 9.93 -12.04 5.91
CA ILE B 59 8.59 -11.98 6.48
C ILE B 59 8.06 -13.40 6.62
N ASN B 60 7.59 -13.74 7.82
CA ASN B 60 7.09 -15.08 8.09
C ASN B 60 5.71 -15.39 7.52
N SER B 61 5.57 -16.58 6.95
CA SER B 61 4.32 -17.03 6.33
C SER B 61 3.24 -17.49 7.30
N ARG B 62 3.50 -17.34 8.60
CA ARG B 62 2.52 -17.77 9.60
C ARG B 62 1.44 -16.73 9.87
N TYR B 63 1.80 -15.46 9.88
CA TYR B 63 0.83 -14.41 10.16
C TYR B 63 0.81 -13.28 9.13
N TRP B 64 1.80 -13.24 8.24
CA TRP B 64 1.86 -12.15 7.28
C TRP B 64 1.51 -12.45 5.82
N CYS B 65 2.11 -13.49 5.24
CA CYS B 65 1.81 -13.83 3.85
C CYS B 65 1.33 -15.27 3.74
N ASN B 66 0.77 -15.62 2.59
CA ASN B 66 0.24 -16.97 2.36
C ASN B 66 1.08 -17.78 1.38
N ASP B 67 1.69 -18.85 1.88
CA ASP B 67 2.51 -19.71 1.04
C ASP B 67 1.68 -20.94 0.66
N GLY B 68 0.67 -21.22 1.47
CA GLY B 68 -0.22 -22.34 1.21
C GLY B 68 0.11 -23.64 1.92
N LYS B 69 0.53 -23.56 3.18
CA LYS B 69 0.87 -24.76 3.94
C LYS B 69 1.45 -24.47 5.33
N THR B 70 0.99 -23.39 5.94
CA THR B 70 1.48 -23.02 7.28
C THR B 70 0.34 -22.95 8.29
N PRO B 71 0.43 -23.73 9.38
CA PRO B 71 -0.58 -23.79 10.45
C PRO B 71 -0.79 -22.44 11.13
N GLY B 72 -2.07 -22.11 11.35
CA GLY B 72 -2.40 -20.85 12.00
C GLY B 72 -2.13 -19.66 11.11
N ALA B 73 -2.28 -19.86 9.79
CA ALA B 73 -2.05 -18.81 8.81
C ALA B 73 -3.15 -17.75 8.82
N VAL B 74 -2.74 -16.49 8.96
CA VAL B 74 -3.68 -15.37 8.98
C VAL B 74 -3.54 -14.53 7.70
N ASN B 75 -2.30 -14.39 7.23
CA ASN B 75 -2.02 -13.63 6.02
C ASN B 75 -2.57 -12.20 6.10
N ALA B 76 -2.06 -11.44 7.08
CA ALA B 76 -2.49 -10.07 7.29
C ALA B 76 -2.15 -9.14 6.13
N CYS B 77 -1.07 -9.44 5.40
CA CYS B 77 -0.67 -8.61 4.27
C CYS B 77 -1.51 -8.91 3.05
N HIS B 78 -2.33 -9.95 3.17
CA HIS B 78 -3.21 -10.35 2.09
C HIS B 78 -2.39 -10.46 0.81
N LEU B 79 -1.26 -11.17 0.90
CA LEU B 79 -0.37 -11.38 -0.22
C LEU B 79 0.14 -12.82 -0.22
N SER B 80 0.56 -13.30 -1.38
CA SER B 80 1.13 -14.64 -1.49
C SER B 80 2.61 -14.46 -1.17
N CYS B 81 3.14 -15.33 -0.32
CA CYS B 81 4.55 -15.23 0.06
C CYS B 81 5.51 -15.13 -1.13
N SER B 82 5.09 -15.64 -2.28
CA SER B 82 5.92 -15.60 -3.48
C SER B 82 6.07 -14.18 -4.02
N ALA B 83 5.10 -13.33 -3.73
CA ALA B 83 5.13 -11.95 -4.19
C ALA B 83 6.24 -11.19 -3.47
N LEU B 84 6.72 -11.77 -2.37
CA LEU B 84 7.77 -11.15 -1.58
C LEU B 84 9.15 -11.69 -1.97
N LEU B 85 9.28 -12.13 -3.22
CA LEU B 85 10.54 -12.68 -3.71
C LEU B 85 10.83 -12.19 -5.12
N GLN B 86 10.20 -11.07 -5.49
CA GLN B 86 10.35 -10.48 -6.81
C GLN B 86 11.42 -9.40 -6.85
N ASP B 87 11.93 -9.09 -8.04
CA ASP B 87 12.96 -8.07 -8.15
C ASP B 87 12.38 -6.73 -7.75
N ASN B 88 11.08 -6.55 -7.97
CA ASN B 88 10.41 -5.31 -7.58
C ASN B 88 9.96 -5.56 -6.14
N ILE B 89 10.51 -4.80 -5.20
CA ILE B 89 10.20 -4.99 -3.79
C ILE B 89 8.98 -4.25 -3.24
N ALA B 90 8.20 -3.64 -4.12
CA ALA B 90 7.02 -2.91 -3.66
C ALA B 90 6.15 -3.72 -2.69
N ASP B 91 5.81 -4.96 -3.03
CA ASP B 91 4.98 -5.77 -2.17
C ASP B 91 5.63 -6.14 -0.84
N ALA B 92 6.91 -6.50 -0.89
CA ALA B 92 7.64 -6.85 0.32
C ALA B 92 7.70 -5.64 1.24
N VAL B 93 7.96 -4.45 0.68
CA VAL B 93 8.02 -3.23 1.47
C VAL B 93 6.69 -2.95 2.17
N ALA B 94 5.60 -3.02 1.42
CA ALA B 94 4.29 -2.76 2.00
C ALA B 94 3.96 -3.74 3.12
N CYS B 95 4.38 -4.99 2.97
CA CYS B 95 4.09 -5.97 4.00
C CYS B 95 4.99 -5.71 5.20
N ALA B 96 6.19 -5.21 4.94
CA ALA B 96 7.13 -4.88 6.03
C ALA B 96 6.53 -3.72 6.82
N LYS B 97 5.93 -2.76 6.13
CA LYS B 97 5.32 -1.63 6.83
C LYS B 97 4.15 -2.14 7.67
N ARG B 98 3.45 -3.15 7.16
CA ARG B 98 2.31 -3.72 7.89
C ARG B 98 2.83 -4.31 9.20
N VAL B 99 3.96 -5.02 9.13
CA VAL B 99 4.55 -5.64 10.32
C VAL B 99 4.86 -4.64 11.43
N VAL B 100 5.51 -3.53 11.08
CA VAL B 100 5.87 -2.54 12.09
C VAL B 100 4.69 -1.66 12.52
N ARG B 101 3.53 -1.92 11.93
CA ARG B 101 2.31 -1.18 12.25
C ARG B 101 1.98 -1.49 13.71
N ASP B 102 2.27 -2.72 14.13
CA ASP B 102 2.03 -3.17 15.48
C ASP B 102 2.94 -2.50 16.51
N PRO B 103 2.56 -2.53 17.79
CA PRO B 103 3.31 -1.93 18.90
C PRO B 103 4.78 -2.33 19.01
N GLN B 104 5.08 -3.57 18.67
CA GLN B 104 6.44 -4.08 18.76
C GLN B 104 7.40 -3.32 17.84
N GLY B 105 6.87 -2.74 16.75
CA GLY B 105 7.70 -1.99 15.83
C GLY B 105 8.71 -2.84 15.07
N ILE B 106 9.89 -2.28 14.80
CA ILE B 106 10.91 -3.02 14.07
C ILE B 106 11.57 -4.06 14.99
N ARG B 107 11.30 -3.97 16.29
CA ARG B 107 11.85 -4.93 17.23
C ARG B 107 11.21 -6.30 17.05
N ALA B 108 10.28 -6.38 16.09
CA ALA B 108 9.61 -7.64 15.79
C ALA B 108 10.65 -8.61 15.25
N TRP B 109 11.70 -8.06 14.64
CA TRP B 109 12.80 -8.85 14.08
C TRP B 109 13.91 -8.88 15.13
N VAL B 110 14.16 -10.05 15.68
CA VAL B 110 15.20 -10.21 16.70
C VAL B 110 16.56 -9.73 16.18
N ALA B 111 16.83 -9.95 14.91
CA ALA B 111 18.11 -9.54 14.32
C ALA B 111 18.35 -8.04 14.46
N TRP B 112 17.28 -7.25 14.47
CA TRP B 112 17.44 -5.80 14.60
C TRP B 112 18.02 -5.47 15.97
N ARG B 113 17.44 -6.07 17.01
CA ARG B 113 17.90 -5.85 18.36
C ARG B 113 19.35 -6.29 18.52
N ASN B 114 19.69 -7.42 17.89
CA ASN B 114 21.03 -7.97 17.98
C ASN B 114 22.09 -7.31 17.09
N ARG B 115 21.68 -6.86 15.92
CA ARG B 115 22.63 -6.27 14.95
C ARG B 115 22.47 -4.80 14.61
N CYS B 116 21.36 -4.18 14.97
CA CYS B 116 21.13 -2.79 14.59
C CYS B 116 20.88 -1.82 15.74
N GLN B 117 20.20 -2.30 16.78
CA GLN B 117 19.88 -1.48 17.93
C GLN B 117 21.16 -0.95 18.58
N ASN B 118 21.21 0.36 18.80
CA ASN B 118 22.36 1.01 19.40
C ASN B 118 23.66 0.76 18.64
N ARG B 119 23.55 0.71 17.32
CA ARG B 119 24.71 0.52 16.45
C ARG B 119 24.78 1.70 15.48
N ASP B 120 25.93 1.87 14.86
CA ASP B 120 26.10 2.97 13.91
C ASP B 120 25.47 2.58 12.57
N VAL B 121 24.14 2.60 12.51
CA VAL B 121 23.42 2.21 11.30
C VAL B 121 23.56 3.22 10.15
N ARG B 122 23.97 4.43 10.47
CA ARG B 122 24.13 5.48 9.47
C ARG B 122 25.04 5.02 8.35
N GLN B 123 25.98 4.14 8.68
CA GLN B 123 26.93 3.62 7.72
C GLN B 123 26.27 2.90 6.55
N TYR B 124 25.16 2.21 6.84
CA TYR B 124 24.43 1.48 5.80
C TYR B 124 23.92 2.39 4.69
N VAL B 125 23.68 3.66 5.03
CA VAL B 125 23.20 4.61 4.02
C VAL B 125 24.28 5.62 3.65
N GLN B 126 25.37 5.62 4.41
CA GLN B 126 26.48 6.53 4.14
C GLN B 126 27.06 6.38 2.75
N GLY B 127 27.24 7.51 2.08
CA GLY B 127 27.80 7.50 0.74
C GLY B 127 26.76 7.22 -0.33
N CYS B 128 25.49 7.11 0.06
CA CYS B 128 24.44 6.85 -0.91
C CYS B 128 23.74 8.14 -1.31
N GLY B 129 23.87 9.17 -0.48
CA GLY B 129 23.24 10.45 -0.80
C GLY B 129 21.73 10.47 -0.65
N VAL B 130 21.23 9.61 0.23
CA VAL B 130 19.80 9.51 0.49
C VAL B 130 19.41 10.26 1.75
#